data_4CZI
#
_entry.id   4CZI
#
_cell.length_a   51.951
_cell.length_b   69.238
_cell.length_c   52.183
_cell.angle_alpha   90.00
_cell.angle_beta   99.56
_cell.angle_gamma   90.00
#
_symmetry.space_group_name_H-M   'P 1 21 1'
#
loop_
_entity.id
_entity.type
_entity.pdbx_description
1 polymer 'ROD SHAPE-DETERMINING PROTEIN MREB'
2 water water
#
_entity_poly.entity_id   1
_entity_poly.type   'polypeptide(L)'
_entity_poly.pdbx_seq_one_letter_code
;MISNDIAIDLGTANTLIYQKGKGIVLNEPSVVALRNVGGRKVVHAVGIEAKQMLGRTPGHMEAIRPMRDGVIADFEVAEE
MIKYFIRKVHNRKGSGNPKVIVCVPSGATAVERRAINDSCLNAGARRVGLIDEPMAAAIGAGLPIHEPTGSMVVDIGGGT
TEVAVLSLSGIVYSRSVRVGGDKMDEAIISYMRRHHNLLIGETTAERIKKEIGTARAPADGEGLSIDVKGRDLMQGVPRE
VRISEKQAADALAEPVGQIVEAVKVALEATPPELASDIADKGIMLTGGGALLRGLDAEIRDHTGLPVTVADDPLSCVALG
CGKVLEHPKWMKGVLESTLAGSHHHHHH
;
_entity_poly.pdbx_strand_id   A
#
# COMPACT_ATOMS: atom_id res chain seq x y z
N ILE A 2 -23.04 -18.92 3.81
CA ILE A 2 -22.34 -17.89 4.61
C ILE A 2 -20.98 -18.46 5.05
N SER A 3 -19.92 -17.69 4.79
CA SER A 3 -18.56 -18.21 4.88
C SER A 3 -17.73 -17.34 5.80
N ASN A 4 -16.68 -17.92 6.36
CA ASN A 4 -15.62 -17.14 7.01
C ASN A 4 -14.32 -17.11 6.20
N ASP A 5 -14.35 -17.59 4.97
CA ASP A 5 -13.17 -17.49 4.11
C ASP A 5 -12.90 -15.98 3.90
N ILE A 6 -11.62 -15.60 3.91
CA ILE A 6 -11.24 -14.20 3.73
C ILE A 6 -9.97 -14.01 2.92
N ALA A 7 -9.88 -12.81 2.34
CA ALA A 7 -8.69 -12.37 1.65
C ALA A 7 -8.20 -11.11 2.33
N ILE A 8 -6.91 -11.04 2.62
CA ILE A 8 -6.36 -9.93 3.40
C ILE A 8 -5.30 -9.20 2.57
N ASP A 9 -5.48 -7.90 2.40
CA ASP A 9 -4.42 -7.01 1.92
C ASP A 9 -3.76 -6.39 3.14
N LEU A 10 -2.61 -6.93 3.52
CA LEU A 10 -1.90 -6.52 4.70
C LEU A 10 -0.97 -5.35 4.38
N GLY A 11 -1.53 -4.19 4.11
CA GLY A 11 -0.74 -3.04 3.73
C GLY A 11 0.05 -2.46 4.86
N THR A 12 1.10 -1.69 4.54
CA THR A 12 1.87 -1.04 5.60
C THR A 12 1.11 0.09 6.23
N ALA A 13 0.17 0.70 5.52
CA ALA A 13 -0.61 1.79 6.09
C ALA A 13 -2.03 1.35 6.45
N ASN A 14 -2.67 0.53 5.60
CA ASN A 14 -4.01 0.06 5.84
C ASN A 14 -4.10 -1.42 5.49
N THR A 15 -4.96 -2.11 6.24
CA THR A 15 -5.30 -3.51 6.03
C THR A 15 -6.76 -3.58 5.58
N LEU A 16 -7.01 -4.30 4.50
CA LEU A 16 -8.36 -4.54 4.03
C LEU A 16 -8.59 -6.04 4.04
N ILE A 17 -9.80 -6.41 4.41
CA ILE A 17 -10.26 -7.77 4.34
C ILE A 17 -11.53 -7.88 3.51
N TYR A 18 -11.48 -8.82 2.58
CA TYR A 18 -12.62 -9.23 1.76
C TYR A 18 -13.08 -10.56 2.31
N GLN A 19 -14.38 -10.70 2.54
CA GLN A 19 -14.95 -11.93 3.06
C GLN A 19 -15.86 -12.56 2.01
N LYS A 20 -15.65 -13.84 1.78
CA LYS A 20 -16.38 -14.58 0.76
C LYS A 20 -17.87 -14.38 1.00
N GLY A 21 -18.57 -14.03 -0.08
CA GLY A 21 -20.00 -13.83 -0.04
C GLY A 21 -20.43 -12.44 0.40
N LYS A 22 -19.51 -11.64 0.94
CA LYS A 22 -19.83 -10.32 1.48
C LYS A 22 -19.09 -9.13 0.80
N GLY A 23 -17.86 -9.34 0.33
CA GLY A 23 -17.07 -8.25 -0.20
C GLY A 23 -16.17 -7.66 0.87
N ILE A 24 -15.74 -6.41 0.69
CA ILE A 24 -14.85 -5.78 1.68
C ILE A 24 -15.61 -5.51 2.98
N VAL A 25 -15.17 -6.13 4.08
CA VAL A 25 -15.79 -6.00 5.39
C VAL A 25 -14.94 -5.27 6.45
N LEU A 26 -13.69 -4.99 6.12
CA LEU A 26 -12.80 -4.30 7.05
C LEU A 26 -11.78 -3.49 6.26
N ASN A 27 -11.54 -2.25 6.69
CA ASN A 27 -10.54 -1.41 6.08
C ASN A 27 -10.04 -0.48 7.18
N GLU A 28 -8.89 -0.79 7.76
CA GLU A 28 -8.43 -0.08 8.96
C GLU A 28 -6.95 0.14 8.90
N PRO A 29 -6.49 1.21 9.58
CA PRO A 29 -5.05 1.45 9.67
C PRO A 29 -4.31 0.25 10.25
N SER A 30 -3.14 -0.02 9.68
CA SER A 30 -2.27 -1.11 10.12
C SER A 30 -1.39 -0.63 11.29
N VAL A 31 -2.02 -0.35 12.42
CA VAL A 31 -1.36 0.29 13.57
C VAL A 31 -1.82 -0.46 14.82
N VAL A 32 -0.88 -0.69 15.72
CA VAL A 32 -1.15 -1.30 17.01
C VAL A 32 -0.60 -0.41 18.12
N ALA A 33 -1.43 -0.11 19.11
CA ALA A 33 -0.96 0.60 20.29
C ALA A 33 -0.74 -0.43 21.42
N LEU A 34 0.35 -0.26 22.15
CA LEU A 34 0.66 -1.16 23.26
C LEU A 34 0.81 -0.35 24.53
N ARG A 35 0.44 -0.95 25.65
CA ARG A 35 0.55 -0.32 26.96
C ARG A 35 1.42 -1.20 27.84
N ASN A 36 2.30 -0.58 28.62
CA ASN A 36 3.17 -1.34 29.50
C ASN A 36 2.64 -1.33 30.92
N LYS A 41 4.11 -5.81 28.13
CA LYS A 41 3.40 -5.05 27.09
C LYS A 41 2.08 -5.70 26.71
N VAL A 42 1.02 -4.90 26.77
CA VAL A 42 -0.34 -5.34 26.54
C VAL A 42 -0.88 -4.61 25.31
N VAL A 43 -1.65 -5.31 24.47
CA VAL A 43 -2.29 -4.64 23.34
C VAL A 43 -3.38 -3.73 23.83
N HIS A 44 -3.23 -2.45 23.53
CA HIS A 44 -4.18 -1.46 23.94
C HIS A 44 -5.24 -1.17 22.90
N ALA A 45 -4.85 -1.07 21.63
CA ALA A 45 -5.81 -0.81 20.56
C ALA A 45 -5.19 -1.23 19.24
N VAL A 46 -6.05 -1.44 18.25
CA VAL A 46 -5.61 -1.88 16.93
C VAL A 46 -6.51 -1.23 15.92
N GLY A 47 -5.92 -0.74 14.83
CA GLY A 47 -6.74 -0.25 13.75
C GLY A 47 -7.17 1.20 13.93
N ILE A 48 -8.45 1.41 13.66
CA ILE A 48 -9.06 2.72 13.57
C ILE A 48 -8.69 3.60 14.78
N GLU A 49 -8.86 3.06 15.98
CA GLU A 49 -8.62 3.86 17.19
C GLU A 49 -7.15 4.06 17.47
N ALA A 50 -6.28 3.25 16.85
CA ALA A 50 -4.86 3.31 17.15
C ALA A 50 -4.16 4.37 16.29
N LYS A 51 -4.74 4.67 15.14
CA LYS A 51 -4.07 5.51 14.16
C LYS A 51 -3.74 6.89 14.71
N GLN A 52 -4.68 7.52 15.39
CA GLN A 52 -4.44 8.87 15.90
C GLN A 52 -3.50 8.87 17.09
N MET A 53 -3.19 7.70 17.61
CA MET A 53 -2.22 7.61 18.70
C MET A 53 -0.78 7.73 18.19
N LEU A 54 -0.56 7.53 16.89
CA LEU A 54 0.80 7.65 16.35
C LEU A 54 1.35 9.07 16.60
N GLY A 55 2.51 9.12 17.24
CA GLY A 55 3.17 10.38 17.52
C GLY A 55 2.55 11.10 18.72
N ARG A 56 1.61 10.45 19.41
CA ARG A 56 0.86 11.12 20.50
C ARG A 56 0.80 10.37 21.80
N THR A 57 1.60 9.33 21.92
CA THR A 57 1.50 8.45 23.07
C THR A 57 2.19 9.04 24.30
N PRO A 58 1.57 8.84 25.47
CA PRO A 58 2.21 9.26 26.72
C PRO A 58 3.23 8.20 27.14
N GLY A 59 3.87 8.44 28.27
CA GLY A 59 4.96 7.59 28.69
C GLY A 59 4.67 6.10 28.76
N HIS A 60 3.46 5.71 29.12
CA HIS A 60 3.25 4.28 29.36
C HIS A 60 2.92 3.46 28.09
N MET A 61 2.97 4.10 26.93
CA MET A 61 2.35 3.55 25.71
C MET A 61 3.20 3.75 24.47
N GLU A 62 2.94 2.92 23.44
CA GLU A 62 3.61 3.12 22.16
C GLU A 62 2.63 2.77 21.05
N ALA A 63 2.83 3.34 19.87
CA ALA A 63 1.93 3.04 18.76
C ALA A 63 2.86 2.73 17.62
N ILE A 64 2.61 1.59 16.99
CA ILE A 64 3.55 0.94 16.11
C ILE A 64 2.85 0.56 14.80
N ARG A 65 3.52 0.79 13.67
CA ARG A 65 3.09 0.23 12.39
C ARG A 65 3.98 -0.96 12.13
N PRO A 66 3.46 -2.17 12.35
CA PRO A 66 4.36 -3.31 12.39
C PRO A 66 4.79 -3.78 11.01
N MET A 67 4.17 -3.30 9.93
CA MET A 67 4.57 -3.72 8.58
C MET A 67 5.42 -2.61 8.02
N ARG A 68 6.47 -2.99 7.31
CA ARG A 68 7.36 -2.00 6.74
C ARG A 68 8.00 -2.59 5.51
N ASP A 69 7.91 -1.79 4.47
CA ASP A 69 8.45 -2.17 3.18
C ASP A 69 7.85 -3.49 2.68
N GLY A 70 6.60 -3.73 3.03
CA GLY A 70 5.82 -4.82 2.46
C GLY A 70 5.88 -6.13 3.22
N VAL A 71 6.81 -6.24 4.16
CA VAL A 71 6.96 -7.46 4.96
C VAL A 71 6.82 -7.12 6.43
N ILE A 72 7.17 -8.07 7.30
CA ILE A 72 7.01 -7.93 8.75
C ILE A 72 8.29 -7.50 9.46
N ALA A 73 8.22 -6.39 10.20
CA ALA A 73 9.27 -5.91 11.10
C ALA A 73 9.23 -6.55 12.51
N ASP A 74 8.32 -6.09 13.40
CA ASP A 74 8.19 -6.72 14.75
C ASP A 74 7.19 -7.87 14.69
N PHE A 75 7.68 -9.09 14.82
CA PHE A 75 6.86 -10.25 14.52
C PHE A 75 5.70 -10.43 15.46
N GLU A 76 5.97 -10.19 16.74
CA GLU A 76 4.95 -10.34 17.75
C GLU A 76 3.82 -9.35 17.53
N VAL A 77 4.15 -8.10 17.23
CA VAL A 77 3.13 -7.09 17.10
C VAL A 77 2.33 -7.29 15.79
N ALA A 78 3.03 -7.69 14.73
CA ALA A 78 2.34 -7.99 13.48
C ALA A 78 1.33 -9.10 13.66
N GLU A 79 1.74 -10.15 14.35
CA GLU A 79 0.86 -11.27 14.60
C GLU A 79 -0.38 -10.85 15.39
N GLU A 80 -0.19 -10.00 16.40
CA GLU A 80 -1.33 -9.53 17.19
C GLU A 80 -2.27 -8.72 16.29
N MET A 81 -1.69 -7.93 15.39
CA MET A 81 -2.50 -7.11 14.49
C MET A 81 -3.36 -8.00 13.59
N ILE A 82 -2.75 -9.02 13.02
CA ILE A 82 -3.45 -9.94 12.09
C ILE A 82 -4.56 -10.69 12.85
N LYS A 83 -4.23 -11.26 14.01
CA LYS A 83 -5.22 -11.93 14.83
C LYS A 83 -6.38 -11.02 15.20
N TYR A 84 -6.09 -9.78 15.56
CA TYR A 84 -7.15 -8.86 15.89
C TYR A 84 -8.12 -8.66 14.71
N PHE A 85 -7.60 -8.43 13.52
CA PHE A 85 -8.49 -8.16 12.39
C PHE A 85 -9.28 -9.41 12.00
N ILE A 86 -8.63 -10.55 12.04
CA ILE A 86 -9.31 -11.80 11.66
C ILE A 86 -10.44 -12.09 12.62
N ARG A 87 -10.17 -11.93 13.91
CA ARG A 87 -11.20 -12.08 14.93
C ARG A 87 -12.34 -11.10 14.76
N LYS A 88 -12.03 -9.86 14.41
CA LYS A 88 -13.07 -8.85 14.26
C LYS A 88 -14.08 -9.18 13.15
N VAL A 89 -13.62 -9.83 12.08
CA VAL A 89 -14.50 -10.12 10.94
C VAL A 89 -15.18 -11.49 11.03
N HIS A 90 -14.81 -12.29 12.02
CA HIS A 90 -15.42 -13.60 12.18
C HIS A 90 -16.96 -13.49 12.28
N ASN A 91 -17.64 -14.33 11.51
CA ASN A 91 -19.09 -14.35 11.47
C ASN A 91 -19.56 -15.66 12.07
N ARG A 92 -20.12 -15.62 13.26
CA ARG A 92 -20.51 -16.86 13.92
C ARG A 92 -21.63 -17.62 13.19
N LYS A 93 -22.26 -16.98 12.21
CA LYS A 93 -23.25 -17.65 11.37
C LYS A 93 -22.61 -18.37 10.19
N GLY A 94 -21.32 -18.16 10.00
CA GLY A 94 -20.66 -18.71 8.81
C GLY A 94 -19.99 -20.05 9.06
N SER A 95 -19.73 -20.76 7.98
CA SER A 95 -18.98 -22.01 8.07
C SER A 95 -17.56 -21.81 8.66
N GLY A 96 -16.97 -22.89 9.14
CA GLY A 96 -15.66 -22.87 9.74
C GLY A 96 -14.56 -23.21 8.76
N ASN A 97 -13.46 -23.77 9.28
CA ASN A 97 -12.28 -24.05 8.47
C ASN A 97 -11.92 -22.91 7.51
N PRO A 98 -11.74 -21.71 8.04
CA PRO A 98 -11.52 -20.57 7.15
C PRO A 98 -10.31 -20.74 6.23
N LYS A 99 -10.54 -20.47 4.96
CA LYS A 99 -9.45 -20.36 4.01
C LYS A 99 -9.05 -18.88 3.96
N VAL A 100 -7.74 -18.61 4.07
CA VAL A 100 -7.25 -17.23 4.04
C VAL A 100 -6.30 -17.06 2.88
N ILE A 101 -6.59 -16.10 2.02
CA ILE A 101 -5.64 -15.69 1.00
C ILE A 101 -4.98 -14.40 1.46
N VAL A 102 -3.66 -14.31 1.39
CA VAL A 102 -3.01 -13.07 1.71
C VAL A 102 -2.02 -12.73 0.61
N CYS A 103 -1.84 -11.45 0.33
CA CYS A 103 -0.93 -11.09 -0.75
C CYS A 103 0.46 -10.89 -0.19
N VAL A 104 1.46 -11.18 -1.01
CA VAL A 104 2.85 -10.91 -0.66
C VAL A 104 3.53 -10.16 -1.79
N PRO A 105 4.48 -9.28 -1.48
CA PRO A 105 5.26 -8.64 -2.54
C PRO A 105 6.03 -9.65 -3.42
N SER A 106 6.16 -9.26 -4.67
CA SER A 106 6.86 -10.04 -5.66
C SER A 106 8.30 -10.30 -5.21
N THR A 109 11.21 -13.26 -0.42
CA THR A 109 12.06 -14.33 0.10
C THR A 109 11.22 -15.42 0.75
N ALA A 110 11.62 -16.68 0.55
CA ALA A 110 10.96 -17.81 1.19
C ALA A 110 10.79 -17.54 2.68
N VAL A 111 11.81 -16.95 3.30
CA VAL A 111 11.71 -16.54 4.70
C VAL A 111 10.52 -15.62 4.91
N GLU A 112 10.38 -14.62 4.04
CA GLU A 112 9.28 -13.65 4.12
C GLU A 112 7.93 -14.33 3.92
N ARG A 113 7.83 -15.17 2.90
CA ARG A 113 6.54 -15.80 2.61
C ARG A 113 6.13 -16.63 3.85
N ARG A 114 7.09 -17.38 4.39
CA ARG A 114 6.78 -18.24 5.54
C ARG A 114 6.20 -17.45 6.70
N ALA A 115 6.74 -16.26 6.94
CA ALA A 115 6.35 -15.46 8.09
C ALA A 115 4.86 -15.08 8.06
N ILE A 116 4.41 -14.56 6.92
CA ILE A 116 2.99 -14.24 6.77
C ILE A 116 2.15 -15.51 6.85
N ASN A 117 2.61 -16.54 6.15
CA ASN A 117 1.89 -17.79 6.13
C ASN A 117 1.65 -18.30 7.54
N ASP A 118 2.72 -18.62 8.25
CA ASP A 118 2.56 -19.21 9.57
C ASP A 118 1.82 -18.22 10.44
N SER A 119 2.04 -16.94 10.17
CA SER A 119 1.44 -15.91 11.00
C SER A 119 -0.09 -15.90 10.92
N CYS A 120 -0.66 -16.19 9.74
CA CYS A 120 -2.12 -16.21 9.61
C CYS A 120 -2.71 -17.49 10.20
N LEU A 121 -1.94 -18.58 10.20
CA LEU A 121 -2.41 -19.83 10.80
C LEU A 121 -2.76 -19.66 12.29
N ASN A 122 -2.02 -18.82 12.99
CA ASN A 122 -2.28 -18.62 14.42
C ASN A 122 -3.63 -17.94 14.77
N ALA A 123 -4.42 -17.50 13.79
CA ALA A 123 -5.65 -16.76 14.10
C ALA A 123 -6.91 -17.54 13.78
N GLY A 124 -6.72 -18.78 13.34
CA GLY A 124 -7.87 -19.60 13.03
C GLY A 124 -7.86 -19.98 11.56
N ALA A 125 -6.95 -19.38 10.79
CA ALA A 125 -6.84 -19.76 9.39
C ALA A 125 -6.54 -21.25 9.40
N ARG A 126 -7.39 -22.01 8.72
CA ARG A 126 -7.23 -23.45 8.56
C ARG A 126 -6.23 -23.69 7.42
N ARG A 127 -6.39 -22.93 6.34
CA ARG A 127 -5.51 -23.03 5.18
C ARG A 127 -5.18 -21.63 4.69
N VAL A 128 -3.92 -21.39 4.37
CA VAL A 128 -3.49 -20.10 3.83
C VAL A 128 -2.97 -20.22 2.42
N GLY A 129 -3.43 -19.36 1.52
CA GLY A 129 -2.93 -19.28 0.15
C GLY A 129 -2.26 -17.94 -0.05
N LEU A 130 -1.13 -17.93 -0.76
CA LEU A 130 -0.40 -16.69 -1.00
C LEU A 130 -0.58 -16.30 -2.45
N ILE A 131 -0.82 -15.02 -2.68
CA ILE A 131 -0.91 -14.47 -4.03
C ILE A 131 0.05 -13.30 -4.20
N ASP A 132 0.73 -13.24 -5.34
CA ASP A 132 1.62 -12.10 -5.56
C ASP A 132 0.81 -10.83 -5.64
N GLU A 133 1.22 -9.81 -4.89
CA GLU A 133 0.48 -8.57 -4.81
C GLU A 133 0.12 -7.93 -6.19
N PRO A 134 1.06 -7.86 -7.15
CA PRO A 134 0.66 -7.24 -8.42
C PRO A 134 -0.35 -8.05 -9.22
N MET A 135 -0.35 -9.37 -9.07
CA MET A 135 -1.39 -10.19 -9.68
C MET A 135 -2.75 -9.87 -9.07
N ALA A 136 -2.81 -9.84 -7.74
CA ALA A 136 -4.07 -9.43 -7.08
C ALA A 136 -4.51 -8.05 -7.53
N ALA A 137 -3.59 -7.10 -7.59
CA ALA A 137 -3.93 -5.71 -7.95
C ALA A 137 -4.53 -5.68 -9.32
N ALA A 138 -3.91 -6.41 -10.23
CA ALA A 138 -4.40 -6.50 -11.62
C ALA A 138 -5.79 -7.10 -11.73
N ILE A 139 -6.04 -8.20 -11.03
CA ILE A 139 -7.36 -8.81 -11.04
C ILE A 139 -8.35 -7.79 -10.53
N GLY A 140 -8.06 -7.18 -9.39
CA GLY A 140 -9.01 -6.22 -8.83
C GLY A 140 -9.24 -4.96 -9.66
N ALA A 141 -8.25 -4.54 -10.44
CA ALA A 141 -8.40 -3.41 -11.36
C ALA A 141 -9.15 -3.79 -12.65
N GLY A 142 -9.47 -5.06 -12.81
CA GLY A 142 -10.28 -5.49 -13.92
C GLY A 142 -9.47 -5.74 -15.18
N LEU A 143 -8.17 -5.90 -15.06
CA LEU A 143 -7.35 -6.30 -16.22
C LEU A 143 -7.62 -7.75 -16.65
N PRO A 144 -7.54 -8.02 -17.97
CA PRO A 144 -7.84 -9.33 -18.54
C PRO A 144 -6.72 -10.32 -18.30
N ILE A 145 -6.39 -10.60 -17.04
CA ILE A 145 -5.16 -11.32 -16.70
C ILE A 145 -5.18 -12.78 -17.14
N HIS A 146 -6.36 -13.31 -17.44
CA HIS A 146 -6.49 -14.70 -17.90
C HIS A 146 -6.29 -14.85 -19.39
N GLU A 147 -6.35 -13.76 -20.11
CA GLU A 147 -6.34 -13.82 -21.58
C GLU A 147 -4.91 -13.91 -22.08
N PRO A 148 -4.74 -14.41 -23.33
CA PRO A 148 -3.45 -14.41 -24.01
C PRO A 148 -3.20 -13.01 -24.55
N THR A 149 -2.92 -12.09 -23.63
CA THR A 149 -2.68 -10.71 -23.97
C THR A 149 -1.92 -10.08 -22.82
N GLY A 150 -1.04 -9.13 -23.13
CA GLY A 150 -0.23 -8.50 -22.11
C GLY A 150 -0.98 -7.40 -21.37
N SER A 151 -0.90 -7.42 -20.06
CA SER A 151 -1.42 -6.31 -19.25
C SER A 151 -0.30 -5.87 -18.33
N MET A 152 -0.20 -4.57 -18.07
CA MET A 152 0.83 -4.12 -17.17
C MET A 152 0.23 -3.35 -16.05
N VAL A 153 0.62 -3.74 -14.83
CA VAL A 153 0.13 -3.07 -13.63
C VAL A 153 1.26 -2.46 -12.84
N VAL A 154 1.00 -1.30 -12.25
CA VAL A 154 1.92 -0.66 -11.31
C VAL A 154 1.15 -0.39 -10.01
N ASP A 155 1.45 -1.15 -8.96
CA ASP A 155 0.73 -1.00 -7.69
C ASP A 155 1.63 -0.26 -6.70
N ILE A 156 1.23 0.97 -6.39
CA ILE A 156 2.05 1.82 -5.56
C ILE A 156 1.51 1.71 -4.13
N GLY A 157 2.00 0.70 -3.42
CA GLY A 157 1.55 0.38 -2.08
C GLY A 157 2.31 1.21 -1.07
N GLY A 158 2.09 0.93 0.21
CA GLY A 158 2.77 1.70 1.24
C GLY A 158 4.24 1.35 1.33
N GLY A 159 4.57 0.06 1.30
CA GLY A 159 5.95 -0.37 1.49
C GLY A 159 6.73 -0.64 0.23
N THR A 160 6.03 -0.91 -0.88
CA THR A 160 6.72 -1.20 -2.12
C THR A 160 5.88 -0.71 -3.29
N THR A 161 6.53 -0.55 -4.44
CA THR A 161 5.81 -0.43 -5.71
C THR A 161 6.09 -1.72 -6.48
N GLU A 162 5.01 -2.37 -6.92
CA GLU A 162 5.07 -3.67 -7.58
C GLU A 162 4.75 -3.38 -9.03
N VAL A 163 5.64 -3.74 -9.93
CA VAL A 163 5.42 -3.58 -11.35
C VAL A 163 5.40 -4.95 -12.01
N ALA A 164 4.40 -5.21 -12.82
CA ALA A 164 4.32 -6.52 -13.42
C ALA A 164 3.64 -6.48 -14.76
N VAL A 165 4.01 -7.45 -15.55
CA VAL A 165 3.35 -7.73 -16.83
C VAL A 165 2.72 -9.09 -16.68
N LEU A 166 1.43 -9.18 -16.99
CA LEU A 166 0.65 -10.36 -16.76
C LEU A 166 0.15 -10.90 -18.08
N SER A 167 -0.04 -12.21 -18.12
CA SER A 167 -0.67 -12.88 -19.27
C SER A 167 -1.05 -14.30 -18.88
N LEU A 168 -2.20 -14.77 -19.36
CA LEU A 168 -2.60 -16.18 -19.23
C LEU A 168 -2.55 -16.66 -17.79
N SER A 169 -3.11 -15.84 -16.89
CA SER A 169 -3.17 -16.13 -15.46
C SER A 169 -1.83 -16.22 -14.73
N GLY A 170 -0.79 -15.68 -15.31
CA GLY A 170 0.51 -15.74 -14.72
C GLY A 170 1.30 -14.48 -14.89
N ILE A 171 2.47 -14.49 -14.29
CA ILE A 171 3.39 -13.38 -14.36
C ILE A 171 4.46 -13.62 -15.40
N VAL A 172 4.57 -12.68 -16.32
CA VAL A 172 5.61 -12.68 -17.34
C VAL A 172 6.86 -12.01 -16.80
N TYR A 173 6.66 -10.88 -16.12
CA TYR A 173 7.73 -10.14 -15.49
C TYR A 173 7.19 -9.49 -14.23
N SER A 174 7.99 -9.45 -13.19
CA SER A 174 7.55 -8.76 -11.97
C SER A 174 8.76 -8.22 -11.24
N ARG A 175 8.60 -7.08 -10.61
CA ARG A 175 9.65 -6.54 -9.75
C ARG A 175 9.04 -5.69 -8.64
N SER A 176 9.62 -5.79 -7.45
CA SER A 176 9.18 -5.04 -6.28
C SER A 176 10.28 -4.07 -5.92
N VAL A 177 9.97 -2.77 -5.89
CA VAL A 177 10.93 -1.74 -5.52
C VAL A 177 10.49 -1.09 -4.22
N ARG A 178 11.43 -0.79 -3.33
CA ARG A 178 11.10 -0.33 -2.01
C ARG A 178 10.86 1.17 -1.98
N VAL A 179 9.92 1.61 -2.78
CA VAL A 179 9.53 3.00 -2.82
C VAL A 179 8.04 3.02 -3.01
N GLY A 180 7.34 3.66 -2.09
CA GLY A 180 5.89 3.72 -2.15
C GLY A 180 5.43 4.82 -1.24
N GLY A 181 4.24 4.64 -0.68
CA GLY A 181 3.61 5.69 0.11
C GLY A 181 4.42 6.07 1.35
N ASP A 182 5.05 5.09 1.98
CA ASP A 182 5.84 5.38 3.17
C ASP A 182 7.08 6.22 2.84
N LYS A 183 7.73 5.92 1.73
CA LYS A 183 8.88 6.70 1.29
C LYS A 183 8.49 8.10 0.89
N MET A 184 7.29 8.27 0.33
CA MET A 184 6.80 9.58 -0.01
C MET A 184 6.59 10.44 1.26
N ASP A 185 5.98 9.84 2.26
CA ASP A 185 5.73 10.51 3.53
C ASP A 185 7.07 10.91 4.16
N GLU A 186 8.01 9.97 4.16
CA GLU A 186 9.35 10.21 4.73
C GLU A 186 10.09 11.31 3.97
N ALA A 187 9.89 11.39 2.66
CA ALA A 187 10.50 12.49 1.87
C ALA A 187 9.88 13.84 2.24
N ILE A 188 8.57 13.83 2.52
CA ILE A 188 7.89 15.04 2.96
C ILE A 188 8.42 15.48 4.34
N ILE A 189 8.57 14.53 5.27
CA ILE A 189 9.16 14.82 6.58
C ILE A 189 10.56 15.42 6.46
N SER A 190 11.41 14.78 5.66
CA SER A 190 12.77 15.26 5.51
C SER A 190 12.78 16.63 4.87
N TYR A 191 11.86 16.86 3.95
CA TYR A 191 11.77 18.13 3.27
C TYR A 191 11.38 19.25 4.24
N MET A 192 10.42 18.97 5.13
CA MET A 192 10.01 20.01 6.08
C MET A 192 11.18 20.36 7.01
N ARG A 193 11.96 19.36 7.38
CA ARG A 193 13.13 19.61 8.26
C ARG A 193 14.15 20.53 7.58
N ARG A 194 14.55 20.17 6.37
CA ARG A 194 15.60 20.90 5.66
C ARG A 194 15.14 22.27 5.17
N HIS A 195 13.93 22.36 4.65
CA HIS A 195 13.49 23.56 4.00
C HIS A 195 12.64 24.48 4.86
N HIS A 196 12.04 23.96 5.92
CA HIS A 196 11.17 24.78 6.74
C HIS A 196 11.60 24.78 8.21
N ASN A 197 12.70 24.11 8.52
CA ASN A 197 13.15 23.93 9.89
C ASN A 197 12.01 23.49 10.79
N LEU A 198 11.25 22.52 10.30
CA LEU A 198 10.07 22.06 11.01
C LEU A 198 10.02 20.56 11.09
N LEU A 199 9.91 20.03 12.31
CA LEU A 199 9.80 18.62 12.55
C LEU A 199 8.33 18.32 12.62
N ILE A 200 7.86 17.51 11.68
CA ILE A 200 6.46 17.11 11.65
C ILE A 200 6.32 15.59 11.90
N GLY A 201 5.13 15.20 12.32
CA GLY A 201 4.85 13.80 12.59
C GLY A 201 4.38 13.09 11.35
N GLU A 202 4.27 11.76 11.44
CA GLU A 202 3.93 10.98 10.28
C GLU A 202 2.50 11.25 9.86
N THR A 203 1.64 11.56 10.80
CA THR A 203 0.26 11.72 10.44
C THR A 203 0.09 13.03 9.66
N THR A 204 0.77 14.07 10.10
CA THR A 204 0.81 15.30 9.35
C THR A 204 1.45 15.12 7.95
N ALA A 205 2.53 14.35 7.88
CA ALA A 205 3.15 14.08 6.59
C ALA A 205 2.17 13.41 5.62
N GLU A 206 1.39 12.45 6.13
CA GLU A 206 0.43 11.77 5.28
C GLU A 206 -0.66 12.73 4.84
N ARG A 207 -1.06 13.63 5.74
CA ARG A 207 -2.05 14.66 5.41
C ARG A 207 -1.59 15.55 4.25
N ILE A 208 -0.34 15.97 4.34
CA ILE A 208 0.28 16.75 3.28
C ILE A 208 0.25 16.00 1.93
N LYS A 209 0.71 14.75 1.96
CA LYS A 209 0.73 13.92 0.75
C LYS A 209 -0.67 13.86 0.15
N LYS A 210 -1.67 13.63 0.99
CA LYS A 210 -3.05 13.45 0.49
C LYS A 210 -3.67 14.75 0.04
N GLU A 211 -3.39 15.85 0.73
CA GLU A 211 -4.05 17.11 0.40
C GLU A 211 -3.39 17.92 -0.70
N ILE A 212 -2.06 17.87 -0.79
CA ILE A 212 -1.34 18.66 -1.77
C ILE A 212 -0.22 17.91 -2.50
N GLY A 213 -0.09 16.61 -2.22
CA GLY A 213 0.94 15.84 -2.87
C GLY A 213 0.71 15.85 -4.38
N THR A 214 1.79 15.93 -5.13
CA THR A 214 1.77 15.90 -6.61
C THR A 214 3.06 15.37 -7.20
N ALA A 215 2.97 14.76 -8.37
CA ALA A 215 4.13 14.26 -9.08
C ALA A 215 4.66 15.32 -10.06
N ARG A 216 3.94 16.44 -10.21
CA ARG A 216 4.41 17.53 -11.07
C ARG A 216 4.10 18.91 -10.53
N ALA A 217 5.07 19.82 -10.67
CA ALA A 217 4.85 21.20 -10.29
C ALA A 217 3.62 21.71 -11.01
N PRO A 218 2.82 22.54 -10.33
CA PRO A 218 1.58 23.07 -10.94
C PRO A 218 1.87 24.04 -12.08
N GLY A 223 0.72 26.93 -6.58
CA GLY A 223 -0.56 26.23 -6.58
C GLY A 223 -1.26 26.29 -5.23
N LEU A 224 -2.09 25.29 -4.95
CA LEU A 224 -2.80 25.18 -3.68
C LEU A 224 -1.82 25.08 -2.50
N SER A 225 -2.19 25.65 -1.36
CA SER A 225 -1.38 25.56 -0.16
C SER A 225 -2.19 25.11 1.05
N ILE A 226 -1.50 24.62 2.08
CA ILE A 226 -2.17 24.28 3.32
C ILE A 226 -1.29 24.68 4.49
N ASP A 227 -1.90 24.73 5.68
CA ASP A 227 -1.18 25.07 6.91
C ASP A 227 -0.77 23.80 7.65
N VAL A 228 0.52 23.72 7.94
CA VAL A 228 1.12 22.56 8.58
C VAL A 228 1.76 22.98 9.87
N LYS A 229 1.58 22.18 10.91
CA LYS A 229 2.20 22.51 12.21
C LYS A 229 3.10 21.40 12.73
N GLY A 230 3.98 21.77 13.64
CA GLY A 230 4.93 20.84 14.20
C GLY A 230 5.87 21.53 15.18
N ARG A 231 7.06 20.95 15.31
CA ARG A 231 8.06 21.33 16.30
C ARG A 231 9.20 22.05 15.60
N ASP A 232 9.51 23.26 16.06
CA ASP A 232 10.66 23.96 15.48
C ASP A 232 11.96 23.16 15.66
N LEU A 233 12.75 23.10 14.60
CA LEU A 233 13.88 22.22 14.55
C LEU A 233 14.94 22.45 15.65
N MET A 234 15.22 23.72 15.89
CA MET A 234 16.33 24.08 16.77
C MET A 234 15.80 24.52 18.14
N GLN A 235 14.76 25.34 18.14
CA GLN A 235 14.23 25.88 19.38
C GLN A 235 13.10 25.06 20.01
N GLY A 236 12.69 23.98 19.36
CA GLY A 236 11.80 23.00 19.96
C GLY A 236 10.33 23.34 20.18
N VAL A 237 9.95 24.62 20.08
CA VAL A 237 8.55 25.09 20.27
C VAL A 237 7.54 24.81 19.12
N PRO A 238 6.21 24.80 19.43
CA PRO A 238 5.24 24.59 18.33
C PRO A 238 5.24 25.72 17.33
N ARG A 239 5.07 25.36 16.05
CA ARG A 239 5.12 26.35 14.99
C ARG A 239 4.26 25.90 13.83
N GLU A 240 3.76 26.89 13.09
CA GLU A 240 2.94 26.66 11.90
C GLU A 240 3.60 27.28 10.68
N VAL A 241 3.54 26.57 9.56
CA VAL A 241 4.10 27.07 8.32
C VAL A 241 3.11 26.75 7.20
N ARG A 242 3.20 27.50 6.11
CA ARG A 242 2.40 27.23 4.91
C ARG A 242 3.27 26.48 3.93
N ILE A 243 2.71 25.45 3.31
CA ILE A 243 3.43 24.71 2.28
C ILE A 243 2.50 24.58 1.07
N SER A 244 3.10 24.63 -0.09
CA SER A 244 2.36 24.63 -1.34
C SER A 244 2.59 23.35 -2.14
N GLU A 245 1.76 23.16 -3.17
CA GLU A 245 1.91 22.04 -4.09
C GLU A 245 3.29 22.02 -4.71
N LYS A 246 3.80 23.19 -5.03
CA LYS A 246 5.10 23.29 -5.65
C LYS A 246 6.16 22.77 -4.72
N GLN A 247 6.05 23.13 -3.44
CA GLN A 247 6.99 22.60 -2.48
C GLN A 247 6.77 21.07 -2.33
N ALA A 248 5.51 20.67 -2.24
CA ALA A 248 5.18 19.25 -2.19
C ALA A 248 5.80 18.49 -3.36
N ALA A 249 5.73 19.06 -4.56
CA ALA A 249 6.31 18.42 -5.74
C ALA A 249 7.80 18.21 -5.59
N ASP A 250 8.48 19.21 -5.05
CA ASP A 250 9.92 19.07 -4.90
C ASP A 250 10.26 18.00 -3.86
N ALA A 251 9.48 17.95 -2.79
CA ALA A 251 9.65 16.95 -1.75
C ALA A 251 9.54 15.54 -2.31
N LEU A 252 8.56 15.33 -3.18
CA LEU A 252 8.27 13.98 -3.72
C LEU A 252 9.03 13.59 -4.99
N ALA A 253 9.86 14.47 -5.52
CA ALA A 253 10.52 14.23 -6.79
C ALA A 253 11.35 12.96 -6.80
N GLU A 254 12.13 12.71 -5.74
CA GLU A 254 13.00 11.55 -5.76
C GLU A 254 12.22 10.23 -5.77
N PRO A 255 11.29 10.07 -4.83
CA PRO A 255 10.56 8.79 -4.87
C PRO A 255 9.71 8.61 -6.14
N VAL A 256 9.11 9.67 -6.65
CA VAL A 256 8.38 9.59 -7.91
C VAL A 256 9.32 9.15 -9.03
N GLY A 257 10.52 9.71 -9.10
CA GLY A 257 11.47 9.28 -10.12
C GLY A 257 11.88 7.83 -10.02
N GLN A 258 11.94 7.29 -8.79
CA GLN A 258 12.28 5.91 -8.60
C GLN A 258 11.17 5.02 -9.11
N ILE A 259 9.93 5.47 -8.90
CA ILE A 259 8.78 4.75 -9.41
C ILE A 259 8.80 4.80 -10.94
N VAL A 260 8.97 5.99 -11.50
CA VAL A 260 9.02 6.12 -12.97
C VAL A 260 10.10 5.22 -13.54
N GLU A 261 11.27 5.18 -12.90
CA GLU A 261 12.39 4.40 -13.41
C GLU A 261 12.14 2.88 -13.35
N ALA A 262 11.48 2.42 -12.30
CA ALA A 262 11.14 1.00 -12.25
C ALA A 262 10.18 0.60 -13.39
N VAL A 263 9.24 1.48 -13.72
CA VAL A 263 8.32 1.23 -14.83
C VAL A 263 9.14 1.07 -16.10
N LYS A 264 10.05 2.00 -16.36
CA LYS A 264 10.90 1.92 -17.56
C LYS A 264 11.67 0.63 -17.64
N VAL A 265 12.25 0.20 -16.53
CA VAL A 265 12.95 -1.08 -16.49
C VAL A 265 12.07 -2.27 -16.83
N ALA A 266 10.83 -2.26 -16.34
CA ALA A 266 9.94 -3.36 -16.64
C ALA A 266 9.61 -3.40 -18.16
N LEU A 267 9.41 -2.24 -18.76
CA LEU A 267 9.08 -2.19 -20.18
C LEU A 267 10.22 -2.78 -20.99
N GLU A 268 11.45 -2.50 -20.57
CA GLU A 268 12.61 -3.03 -21.26
C GLU A 268 12.60 -4.55 -21.31
N ALA A 269 11.93 -5.19 -20.35
CA ALA A 269 11.94 -6.64 -20.23
C ALA A 269 10.80 -7.35 -20.96
N THR A 270 9.97 -6.59 -21.64
CA THR A 270 8.75 -7.13 -22.21
C THR A 270 9.01 -7.73 -23.60
N PRO A 271 8.61 -8.99 -23.77
CA PRO A 271 8.66 -9.71 -25.05
C PRO A 271 7.85 -9.02 -26.16
N PRO A 272 8.27 -9.19 -27.42
CA PRO A 272 7.73 -8.43 -28.56
C PRO A 272 6.23 -8.44 -28.69
N GLU A 273 5.58 -9.60 -28.59
CA GLU A 273 4.14 -9.67 -28.82
C GLU A 273 3.38 -9.00 -27.68
N LEU A 274 3.93 -9.15 -26.49
CA LEU A 274 3.32 -8.54 -25.30
C LEU A 274 3.56 -7.05 -25.32
N ALA A 275 4.74 -6.66 -25.82
CA ALA A 275 5.02 -5.24 -26.02
C ALA A 275 3.97 -4.64 -26.96
N SER A 276 3.65 -5.36 -28.03
CA SER A 276 2.62 -4.89 -28.94
C SER A 276 1.27 -4.71 -28.24
N ASP A 277 0.88 -5.64 -27.35
CA ASP A 277 -0.40 -5.51 -26.66
C ASP A 277 -0.36 -4.27 -25.74
N ILE A 278 0.79 -4.03 -25.14
CA ILE A 278 0.94 -2.92 -24.16
C ILE A 278 1.05 -1.57 -24.86
N ALA A 279 1.59 -1.57 -26.08
CA ALA A 279 1.61 -0.36 -26.87
C ALA A 279 0.18 0.15 -27.14
N ASP A 280 -0.80 -0.74 -27.24
CA ASP A 280 -2.15 -0.33 -27.58
C ASP A 280 -2.96 0.20 -26.40
N LYS A 281 -2.61 -0.20 -25.19
CA LYS A 281 -3.44 0.16 -24.04
C LYS A 281 -2.72 0.73 -22.84
N GLY A 282 -1.42 0.49 -22.75
CA GLY A 282 -0.61 1.13 -21.72
C GLY A 282 -0.61 0.44 -20.39
N ILE A 283 -0.59 1.24 -19.34
CA ILE A 283 -0.27 0.83 -17.96
C ILE A 283 -1.43 1.18 -17.03
N MET A 284 -1.70 0.31 -16.05
CA MET A 284 -2.78 0.54 -15.07
C MET A 284 -2.14 0.83 -13.73
N LEU A 285 -2.56 1.90 -13.05
CA LEU A 285 -2.01 2.21 -11.71
C LEU A 285 -2.99 1.81 -10.64
N THR A 286 -2.49 1.17 -9.59
CA THR A 286 -3.32 0.79 -8.45
C THR A 286 -2.60 1.17 -7.18
N GLY A 287 -3.31 1.05 -6.06
CA GLY A 287 -2.71 1.31 -4.77
C GLY A 287 -2.85 2.75 -4.34
N GLY A 288 -2.43 3.02 -3.09
CA GLY A 288 -2.57 4.34 -2.53
C GLY A 288 -1.81 5.39 -3.32
N GLY A 289 -0.66 5.03 -3.86
CA GLY A 289 0.07 5.92 -4.74
C GLY A 289 -0.56 6.28 -6.06
N ALA A 290 -1.50 5.48 -6.53
CA ALA A 290 -2.16 5.75 -7.80
C ALA A 290 -2.95 7.05 -7.77
N LEU A 291 -3.28 7.49 -6.56
CA LEU A 291 -4.05 8.71 -6.32
C LEU A 291 -3.16 9.94 -6.28
N LEU A 292 -1.86 9.75 -6.30
CA LEU A 292 -0.96 10.91 -6.30
C LEU A 292 -1.21 11.78 -7.56
N ARG A 293 -1.58 13.03 -7.35
CA ARG A 293 -1.96 13.87 -8.48
C ARG A 293 -0.81 13.95 -9.51
N GLY A 294 -1.16 13.72 -10.77
CA GLY A 294 -0.20 13.81 -11.86
C GLY A 294 0.74 12.65 -12.07
N LEU A 295 0.68 11.61 -11.22
CA LEU A 295 1.57 10.49 -11.40
C LEU A 295 1.28 9.78 -12.72
N ASP A 296 0.01 9.69 -13.08
CA ASP A 296 -0.35 9.11 -14.37
C ASP A 296 0.29 9.89 -15.52
N ALA A 297 0.21 11.24 -15.46
CA ALA A 297 0.79 12.08 -16.51
C ALA A 297 2.30 11.94 -16.55
N GLU A 298 2.91 11.90 -15.38
CA GLU A 298 4.35 11.78 -15.28
C GLU A 298 4.84 10.49 -15.92
N ILE A 299 4.15 9.38 -15.66
CA ILE A 299 4.56 8.09 -16.22
C ILE A 299 4.33 8.03 -17.72
N ARG A 300 3.24 8.63 -18.18
CA ARG A 300 2.94 8.71 -19.61
C ARG A 300 4.00 9.54 -20.32
N ASP A 301 4.43 10.63 -19.69
CA ASP A 301 5.47 11.46 -20.31
C ASP A 301 6.78 10.72 -20.48
N HIS A 302 7.14 9.89 -19.52
CA HIS A 302 8.38 9.12 -19.61
C HIS A 302 8.34 7.81 -20.43
N THR A 303 7.16 7.32 -20.77
CA THR A 303 7.07 6.03 -21.47
C THR A 303 6.42 6.14 -22.84
N GLY A 304 5.68 7.21 -23.06
CA GLY A 304 4.93 7.37 -24.29
C GLY A 304 3.68 6.51 -24.35
N LEU A 305 3.30 5.90 -23.23
CA LEU A 305 2.17 4.99 -23.20
C LEU A 305 0.97 5.61 -22.46
N PRO A 306 -0.24 5.21 -22.84
CA PRO A 306 -1.42 5.59 -22.04
C PRO A 306 -1.27 5.08 -20.62
N VAL A 307 -1.72 5.87 -19.66
CA VAL A 307 -1.69 5.42 -18.27
C VAL A 307 -3.08 5.64 -17.69
N THR A 308 -3.62 4.60 -17.06
CA THR A 308 -4.98 4.60 -16.54
C THR A 308 -4.88 4.43 -15.05
N VAL A 309 -5.67 5.17 -14.29
CA VAL A 309 -5.77 4.95 -12.86
C VAL A 309 -6.97 4.06 -12.59
N ALA A 310 -6.76 2.96 -11.88
CA ALA A 310 -7.83 2.03 -11.54
C ALA A 310 -8.96 2.67 -10.79
N ASP A 311 -10.15 2.11 -10.98
CA ASP A 311 -11.27 2.39 -10.09
C ASP A 311 -10.96 1.84 -8.70
N ASP A 312 -11.24 2.65 -7.69
CA ASP A 312 -11.10 2.20 -6.30
C ASP A 312 -9.70 1.63 -6.08
N PRO A 313 -8.67 2.42 -6.37
CA PRO A 313 -7.32 1.87 -6.43
C PRO A 313 -6.82 1.37 -5.08
N LEU A 314 -7.34 1.89 -3.97
CA LEU A 314 -6.90 1.41 -2.67
C LEU A 314 -7.41 0.01 -2.41
N SER A 315 -8.49 -0.36 -3.08
CA SER A 315 -9.14 -1.65 -2.83
C SER A 315 -8.79 -2.75 -3.83
N CYS A 316 -8.00 -2.44 -4.87
CA CYS A 316 -7.80 -3.38 -5.96
C CYS A 316 -7.21 -4.69 -5.48
N VAL A 317 -6.19 -4.62 -4.62
CA VAL A 317 -5.56 -5.84 -4.14
C VAL A 317 -6.56 -6.72 -3.41
N ALA A 318 -7.31 -6.15 -2.49
CA ALA A 318 -8.27 -6.96 -1.73
C ALA A 318 -9.39 -7.53 -2.60
N LEU A 319 -9.89 -6.71 -3.52
CA LEU A 319 -10.91 -7.16 -4.47
C LEU A 319 -10.39 -8.26 -5.39
N GLY A 320 -9.11 -8.17 -5.77
CA GLY A 320 -8.49 -9.18 -6.61
C GLY A 320 -8.34 -10.52 -5.91
N CYS A 321 -7.81 -10.50 -4.69
CA CYS A 321 -7.75 -11.70 -3.88
C CYS A 321 -9.17 -12.23 -3.63
N GLY A 322 -10.13 -11.33 -3.47
CA GLY A 322 -11.50 -11.72 -3.22
C GLY A 322 -12.10 -12.48 -4.39
N LYS A 323 -11.75 -12.09 -5.61
CA LYS A 323 -12.21 -12.81 -6.81
C LYS A 323 -11.72 -14.27 -6.80
N VAL A 324 -10.46 -14.47 -6.44
CA VAL A 324 -9.90 -15.80 -6.37
C VAL A 324 -10.62 -16.60 -5.29
N LEU A 325 -10.92 -15.93 -4.18
CA LEU A 325 -11.53 -16.60 -3.04
C LEU A 325 -12.90 -17.11 -3.39
N GLU A 326 -13.58 -16.44 -4.31
CA GLU A 326 -14.94 -16.83 -4.70
C GLU A 326 -14.93 -17.94 -5.75
N HIS A 327 -13.76 -18.21 -6.33
CA HIS A 327 -13.60 -19.18 -7.43
C HIS A 327 -12.39 -20.07 -7.24
#